data_6RJI
#
_entry.id   6RJI
#
_cell.length_a   30.266
_cell.length_b   43.460
_cell.length_c   126.343
_cell.angle_alpha   90.00
_cell.angle_beta   90.00
_cell.angle_gamma   90.00
#
_symmetry.space_group_name_H-M   'P 21 21 21'
#
loop_
_entity.id
_entity.type
_entity.pdbx_description
1 polymer 'Elongation factor P'
2 water water
#
_entity_poly.entity_id   1
_entity_poly.type   'polypeptide(L)'
_entity_poly.pdbx_seq_one_letter_code
;MISVNDFKTGLTISVDNAIWKVIDFQHVKPGKGSAFVRSKLRNLRTGAIQEKTFRAGEKVEPAMIENRRMQYLYADGDNH
VFMDNESFEQTELSSDYLKEELNYLKEGMEVQIQTYEGETIGVELPKTVELTVTETEPGIKGDTATGATKSATVETGYTL
NVPLFVNEGDVLIINTGDGSYISRGHHHHHH
;
_entity_poly.pdbx_strand_id   A
#
# COMPACT_ATOMS: atom_id res chain seq x y z
N MET A 1 6.84 -25.94 -1.30
CA MET A 1 5.61 -25.20 -1.47
C MET A 1 4.44 -25.74 -0.63
N ILE A 2 3.24 -25.21 -0.82
CA ILE A 2 2.08 -25.49 0.01
C ILE A 2 1.21 -26.56 -0.67
N SER A 3 0.86 -27.61 0.07
CA SER A 3 -0.04 -28.66 -0.43
C SER A 3 -1.49 -28.22 -0.39
N VAL A 4 -2.30 -28.78 -1.29
CA VAL A 4 -3.73 -28.47 -1.32
C VAL A 4 -4.43 -28.94 -0.06
N ASN A 5 -3.79 -29.75 0.76
CA ASN A 5 -4.37 -30.24 2.00
C ASN A 5 -3.99 -29.39 3.20
N ASP A 6 -3.20 -28.33 3.01
CA ASP A 6 -2.64 -27.53 4.10
C ASP A 6 -2.98 -26.03 3.99
N PHE A 7 -4.03 -25.65 3.28
CA PHE A 7 -4.42 -24.24 3.22
C PHE A 7 -4.99 -23.77 4.55
N LYS A 8 -4.83 -22.45 4.81
CA LYS A 8 -5.50 -21.79 5.92
C LYS A 8 -5.79 -20.34 5.54
N THR A 9 -6.75 -19.72 6.22
CA THR A 9 -7.04 -18.31 5.96
C THR A 9 -5.82 -17.45 6.26
N GLY A 10 -5.46 -16.56 5.33
CA GLY A 10 -4.38 -15.62 5.53
C GLY A 10 -3.04 -15.96 4.89
N LEU A 11 -2.89 -17.13 4.28
CA LEU A 11 -1.62 -17.44 3.60
C LEU A 11 -1.36 -16.48 2.43
N THR A 12 -0.08 -16.14 2.23
N THR A 12 -0.08 -16.17 2.21
CA THR A 12 0.34 -15.32 1.10
CA THR A 12 0.34 -15.32 1.10
C THR A 12 1.07 -16.16 0.05
C THR A 12 1.10 -16.15 0.08
N ILE A 13 0.67 -16.02 -1.22
N ILE A 13 0.68 -16.06 -1.19
CA ILE A 13 1.11 -16.90 -2.29
CA ILE A 13 1.21 -16.91 -2.26
C ILE A 13 1.37 -16.12 -3.59
C ILE A 13 1.48 -16.09 -3.52
N SER A 14 2.20 -16.70 -4.45
CA SER A 14 2.45 -16.16 -5.79
C SER A 14 1.86 -17.11 -6.84
N VAL A 15 0.97 -16.59 -7.69
CA VAL A 15 0.38 -17.38 -8.78
C VAL A 15 -0.02 -16.46 -9.93
N ASP A 16 0.13 -16.94 -11.17
CA ASP A 16 -0.25 -16.19 -12.37
C ASP A 16 0.37 -14.79 -12.39
N ASN A 17 1.63 -14.70 -11.96
CA ASN A 17 2.41 -13.47 -12.02
C ASN A 17 1.80 -12.31 -11.21
N ALA A 18 1.19 -12.68 -10.09
CA ALA A 18 0.69 -11.73 -9.09
C ALA A 18 0.92 -12.31 -7.71
N ILE A 19 0.83 -11.47 -6.68
CA ILE A 19 0.92 -11.91 -5.28
C ILE A 19 -0.41 -11.68 -4.60
N TRP A 20 -0.79 -12.61 -3.71
CA TRP A 20 -2.17 -12.71 -3.22
C TRP A 20 -2.21 -13.15 -1.76
N LYS A 21 -3.31 -12.77 -1.10
CA LYS A 21 -3.68 -13.30 0.22
C LYS A 21 -4.95 -14.16 0.11
N VAL A 22 -4.92 -15.33 0.77
N VAL A 22 -4.95 -15.30 0.80
CA VAL A 22 -6.09 -16.20 0.85
CA VAL A 22 -6.10 -16.22 0.76
C VAL A 22 -7.11 -15.57 1.81
C VAL A 22 -7.18 -15.67 1.70
N ILE A 23 -8.26 -15.13 1.26
N ILE A 23 -8.23 -15.06 1.14
CA ILE A 23 -9.33 -14.51 2.05
CA ILE A 23 -9.38 -14.63 1.95
C ILE A 23 -10.30 -15.57 2.61
C ILE A 23 -10.07 -15.85 2.55
N ASP A 24 -10.49 -16.66 1.89
N ASP A 24 -10.61 -16.70 1.69
CA ASP A 24 -11.42 -17.75 2.20
CA ASP A 24 -11.41 -17.84 2.09
C ASP A 24 -11.07 -18.88 1.24
C ASP A 24 -11.19 -18.95 1.07
N PHE A 25 -11.52 -20.10 1.57
N PHE A 25 -11.35 -20.19 1.50
CA PHE A 25 -11.29 -21.23 0.67
CA PHE A 25 -11.16 -21.33 0.61
C PHE A 25 -12.16 -22.40 1.08
C PHE A 25 -12.15 -22.43 0.98
N GLN A 26 -12.35 -23.34 0.14
N GLN A 26 -12.19 -23.46 0.14
CA GLN A 26 -13.03 -24.61 0.38
CA GLN A 26 -13.04 -24.63 0.37
C GLN A 26 -12.12 -25.76 -0.05
C GLN A 26 -12.28 -25.85 -0.14
N HIS A 27 -11.93 -26.74 0.83
N HIS A 27 -11.87 -26.72 0.79
CA HIS A 27 -11.25 -27.98 0.47
CA HIS A 27 -11.21 -27.97 0.42
C HIS A 27 -12.29 -28.95 -0.09
C HIS A 27 -12.27 -28.95 -0.09
N VAL A 28 -12.16 -29.31 -1.36
CA VAL A 28 -13.19 -30.12 -2.05
C VAL A 28 -12.71 -31.57 -2.19
N LYS A 29 -13.57 -32.50 -1.76
N LYS A 29 -13.60 -32.50 -1.83
CA LYS A 29 -13.26 -33.93 -1.78
CA LYS A 29 -13.41 -33.94 -2.02
C LYS A 29 -14.20 -34.56 -2.80
C LYS A 29 -14.41 -34.44 -3.05
N PRO A 30 -13.81 -34.68 -4.07
N PRO A 30 -13.99 -34.70 -4.31
CA PRO A 30 -14.76 -35.12 -5.09
CA PRO A 30 -14.96 -35.08 -5.35
C PRO A 30 -15.11 -36.60 -4.97
C PRO A 30 -15.33 -36.56 -5.33
N GLY A 31 -16.33 -36.90 -5.43
N GLY A 31 -16.47 -36.87 -4.72
CA GLY A 31 -16.73 -38.28 -5.62
CA GLY A 31 -16.84 -38.25 -4.56
C GLY A 31 -15.82 -39.02 -6.57
C GLY A 31 -15.79 -38.97 -3.75
N LYS A 32 -15.37 -38.38 -7.66
N LYS A 32 -15.20 -39.98 -4.36
CA LYS A 32 -14.33 -38.91 -8.54
CA LYS A 32 -14.20 -40.79 -3.70
C LYS A 32 -13.08 -38.04 -8.56
C LYS A 32 -12.77 -40.48 -4.20
N GLY A 33 -11.94 -38.63 -8.08
N GLY A 33 -12.57 -39.43 -5.00
CA GLY A 33 -10.62 -37.97 -8.13
CA GLY A 33 -11.31 -39.23 -5.68
C GLY A 33 -9.97 -37.70 -6.78
C GLY A 33 -10.48 -38.10 -5.10
N SER A 34 -8.80 -37.06 -6.84
N SER A 34 -9.63 -37.54 -5.97
CA SER A 34 -8.11 -36.53 -5.68
CA SER A 34 -8.52 -36.70 -5.53
C SER A 34 -8.70 -35.18 -5.24
C SER A 34 -8.98 -35.28 -5.19
N ALA A 35 -8.44 -34.81 -3.99
N ALA A 35 -8.66 -34.86 -3.97
CA ALA A 35 -8.98 -33.58 -3.41
CA ALA A 35 -9.08 -33.57 -3.44
C ALA A 35 -8.29 -32.35 -3.98
C ALA A 35 -8.39 -32.41 -4.13
N PHE A 36 -9.03 -31.24 -4.06
CA PHE A 36 -8.48 -29.99 -4.59
C PHE A 36 -9.02 -28.82 -3.75
N VAL A 37 -8.57 -27.61 -4.06
CA VAL A 37 -8.96 -26.39 -3.32
C VAL A 37 -9.54 -25.36 -4.28
N ARG A 38 -10.68 -24.75 -3.90
CA ARG A 38 -11.18 -23.53 -4.53
C ARG A 38 -10.97 -22.37 -3.56
N SER A 39 -10.22 -21.35 -3.97
CA SER A 39 -9.84 -20.26 -3.08
C SER A 39 -10.31 -18.90 -3.62
N LYS A 40 -10.60 -17.99 -2.67
CA LYS A 40 -10.86 -16.58 -2.91
C LYS A 40 -9.61 -15.80 -2.53
N LEU A 41 -9.00 -15.11 -3.51
CA LEU A 41 -7.71 -14.44 -3.35
C LEU A 41 -7.85 -12.93 -3.53
N ARG A 42 -7.16 -12.16 -2.66
CA ARG A 42 -7.04 -10.71 -2.81
C ARG A 42 -5.66 -10.32 -3.32
N ASN A 43 -5.61 -9.56 -4.43
N ASN A 43 -5.63 -9.60 -4.44
CA ASN A 43 -4.35 -9.12 -5.01
CA ASN A 43 -4.38 -9.10 -5.01
C ASN A 43 -3.69 -8.10 -4.08
C ASN A 43 -3.82 -8.02 -4.11
N LEU A 44 -2.46 -8.39 -3.63
N LEU A 44 -2.60 -8.24 -3.59
CA LEU A 44 -1.79 -7.54 -2.65
CA LEU A 44 -2.02 -7.32 -2.62
C LEU A 44 -1.31 -6.22 -3.23
C LEU A 44 -1.72 -5.95 -3.25
N ARG A 45 -1.43 -6.02 -4.54
N ARG A 45 -1.41 -5.93 -4.55
CA ARG A 45 -1.11 -4.76 -5.18
CA ARG A 45 -1.10 -4.66 -5.20
C ARG A 45 -2.34 -3.88 -5.39
C ARG A 45 -2.35 -3.82 -5.45
N THR A 46 -3.46 -4.47 -5.84
N THR A 46 -3.45 -4.45 -5.88
CA THR A 46 -4.59 -3.70 -6.33
CA THR A 46 -4.62 -3.72 -6.37
C THR A 46 -5.84 -3.80 -5.46
C THR A 46 -5.84 -3.81 -5.48
N GLY A 47 -5.95 -4.84 -4.64
CA GLY A 47 -7.18 -5.08 -3.91
C GLY A 47 -8.26 -5.84 -4.65
N ALA A 48 -8.05 -6.18 -5.93
CA ALA A 48 -9.01 -7.00 -6.68
C ALA A 48 -9.13 -8.41 -6.08
N ILE A 49 -10.31 -9.01 -6.26
N ILE A 49 -10.32 -9.01 -6.24
CA ILE A 49 -10.56 -10.37 -5.75
CA ILE A 49 -10.61 -10.34 -5.73
C ILE A 49 -10.88 -11.28 -6.92
C ILE A 49 -10.92 -11.26 -6.89
N GLN A 50 -10.21 -12.43 -6.97
N GLN A 50 -10.25 -12.42 -6.93
CA GLN A 50 -10.45 -13.44 -8.00
CA GLN A 50 -10.45 -13.43 -7.98
C GLN A 50 -10.47 -14.83 -7.37
C GLN A 50 -10.49 -14.81 -7.35
N GLU A 51 -11.20 -15.73 -8.01
CA GLU A 51 -11.20 -17.14 -7.61
C GLU A 51 -10.06 -17.89 -8.33
N LYS A 52 -9.39 -18.78 -7.59
CA LYS A 52 -8.37 -19.66 -8.19
C LYS A 52 -8.52 -21.08 -7.66
N THR A 53 -8.40 -22.06 -8.55
N THR A 53 -8.39 -22.06 -8.55
CA THR A 53 -8.48 -23.47 -8.20
CA THR A 53 -8.48 -23.47 -8.20
C THR A 53 -7.09 -24.09 -8.25
C THR A 53 -7.10 -24.10 -8.26
N PHE A 54 -6.76 -24.85 -7.21
N PHE A 54 -6.75 -24.86 -7.22
CA PHE A 54 -5.49 -25.56 -7.12
CA PHE A 54 -5.49 -25.58 -7.14
C PHE A 54 -5.77 -27.06 -7.10
C PHE A 54 -5.79 -27.06 -7.05
N ARG A 55 -5.22 -27.79 -8.07
N ARG A 55 -5.38 -27.83 -8.05
CA ARG A 55 -5.52 -29.21 -8.21
CA ARG A 55 -5.69 -29.25 -8.12
C ARG A 55 -4.49 -30.04 -7.44
C ARG A 55 -4.64 -30.08 -7.39
N ALA A 56 -4.87 -31.28 -7.12
N ALA A 56 -4.97 -31.36 -7.18
CA ALA A 56 -4.00 -32.10 -6.29
CA ALA A 56 -4.09 -32.23 -6.41
C ALA A 56 -2.65 -32.30 -6.97
C ALA A 56 -2.74 -32.38 -7.10
N GLY A 57 -1.59 -32.19 -6.17
N GLY A 57 -1.69 -32.50 -6.29
CA GLY A 57 -0.23 -32.31 -6.66
CA GLY A 57 -0.34 -32.55 -6.81
C GLY A 57 0.38 -31.04 -7.22
C GLY A 57 0.25 -31.21 -7.19
N GLU A 58 -0.26 -29.88 -7.03
N GLU A 58 -0.56 -30.17 -7.35
CA GLU A 58 0.13 -28.68 -7.78
CA GLU A 58 -0.03 -28.83 -7.59
C GLU A 58 1.33 -27.94 -7.17
C GLU A 58 0.68 -28.32 -6.34
N LYS A 59 1.42 -27.89 -5.85
N LYS A 59 1.88 -27.81 -6.53
CA LYS A 59 2.53 -27.25 -5.14
CA LYS A 59 2.63 -27.17 -5.47
C LYS A 59 2.56 -25.72 -5.26
C LYS A 59 2.43 -25.66 -5.58
N VAL A 60 1.68 -25.05 -4.52
N VAL A 60 1.93 -25.06 -4.51
CA VAL A 60 1.52 -23.61 -4.63
CA VAL A 60 1.54 -23.65 -4.51
C VAL A 60 2.75 -22.89 -4.06
C VAL A 60 2.69 -22.84 -3.94
N GLU A 61 3.19 -21.83 -4.75
N GLU A 61 3.19 -21.88 -4.71
CA GLU A 61 4.40 -21.10 -4.37
CA GLU A 61 4.41 -21.16 -4.34
C GLU A 61 4.14 -20.08 -3.26
C GLU A 61 4.11 -20.13 -3.25
N PRO A 62 4.82 -20.17 -2.11
CA PRO A 62 4.64 -19.14 -1.07
C PRO A 62 5.30 -17.81 -1.46
N ALA A 63 4.81 -16.73 -0.84
N ALA A 63 4.73 -16.72 -0.92
CA ALA A 63 5.37 -15.40 -1.05
CA ALA A 63 5.27 -15.38 -1.06
C ALA A 63 5.56 -14.71 0.30
C ALA A 63 5.47 -14.78 0.33
N MET A 64 6.77 -14.22 0.55
N MET A 64 6.55 -14.04 0.51
CA MET A 64 7.10 -13.57 1.82
CA MET A 64 6.87 -13.41 1.79
C MET A 64 7.08 -12.05 1.64
C MET A 64 6.87 -11.90 1.62
N ILE A 65 6.21 -11.38 2.38
N ILE A 65 6.19 -11.20 2.53
CA ILE A 65 6.15 -9.91 2.37
CA ILE A 65 6.00 -9.76 2.44
C ILE A 65 6.91 -9.35 3.58
C ILE A 65 6.71 -9.09 3.61
N GLU A 66 7.80 -8.39 3.32
CA GLU A 66 8.55 -7.67 4.36
C GLU A 66 7.84 -6.35 4.67
N ASN A 67 7.58 -6.08 5.95
CA ASN A 67 6.97 -4.82 6.37
C ASN A 67 7.94 -4.09 7.31
N ARG A 68 8.36 -2.88 6.95
CA ARG A 68 9.38 -2.14 7.69
C ARG A 68 8.89 -0.77 8.16
N ARG A 69 9.17 -0.44 9.43
CA ARG A 69 9.02 0.93 9.95
C ARG A 69 10.20 1.78 9.46
N MET A 70 9.91 2.85 8.72
CA MET A 70 10.93 3.73 8.13
C MET A 70 10.63 5.20 8.46
N GLN A 71 11.66 6.04 8.38
N GLN A 71 11.62 6.00 8.22
CA GLN A 71 11.55 7.50 8.50
CA GLN A 71 11.49 7.43 8.46
C GLN A 71 11.96 8.17 7.19
C GLN A 71 11.96 8.17 7.22
N TYR A 72 11.11 9.08 6.70
N TYR A 72 11.15 9.12 6.76
CA TYR A 72 11.48 9.93 5.57
CA TYR A 72 11.49 9.91 5.58
C TYR A 72 12.51 10.96 6.00
C TYR A 72 12.50 11.00 5.96
N LEU A 73 13.71 10.90 5.42
CA LEU A 73 14.77 11.83 5.79
C LEU A 73 14.66 13.15 5.03
N TYR A 74 14.72 13.09 3.70
CA TYR A 74 14.76 14.31 2.89
C TYR A 74 14.70 13.93 1.41
N ALA A 75 14.39 14.95 0.60
N ALA A 75 14.42 14.95 0.60
CA ALA A 75 14.44 14.82 -0.85
CA ALA A 75 14.52 14.85 -0.85
C ALA A 75 15.85 15.13 -1.34
C ALA A 75 15.87 15.43 -1.29
N ASP A 76 16.29 14.39 -2.36
N ASP A 76 16.52 14.74 -2.20
CA ASP A 76 17.57 14.60 -3.03
CA ASP A 76 17.74 15.23 -2.86
C ASP A 76 17.24 14.68 -4.53
C ASP A 76 17.54 14.95 -4.35
N GLY A 77 16.94 15.89 -4.99
N GLY A 77 17.20 15.98 -5.11
CA GLY A 77 16.45 16.06 -6.34
CA GLY A 77 16.83 15.77 -6.50
C GLY A 77 15.25 15.17 -6.60
C GLY A 77 15.54 15.00 -6.59
N ASP A 78 15.40 14.21 -7.51
N ASP A 78 15.44 14.15 -7.61
CA ASP A 78 14.33 13.27 -7.78
CA ASP A 78 14.29 13.27 -7.75
C ASP A 78 14.31 12.10 -6.78
C ASP A 78 14.36 12.04 -6.87
N ASN A 79 15.32 11.98 -5.94
CA ASN A 79 15.42 10.88 -5.00
C ASN A 79 14.79 11.27 -3.67
N HIS A 80 14.02 10.36 -3.11
CA HIS A 80 13.44 10.55 -1.78
C HIS A 80 14.01 9.45 -0.89
N VAL A 81 14.76 9.85 0.13
CA VAL A 81 15.58 8.94 0.91
C VAL A 81 14.84 8.59 2.21
N PHE A 82 14.69 7.29 2.48
CA PHE A 82 14.03 6.76 3.67
C PHE A 82 15.02 5.88 4.43
N MET A 83 14.99 5.95 5.77
CA MET A 83 15.87 5.15 6.63
C MET A 83 15.10 4.11 7.44
N ASP A 84 15.62 2.90 7.47
CA ASP A 84 15.10 1.80 8.28
C ASP A 84 15.38 2.08 9.76
N ASN A 85 14.31 2.12 10.57
CA ASN A 85 14.44 2.49 11.98
C ASN A 85 15.24 1.48 12.81
N GLU A 86 15.31 0.22 12.39
CA GLU A 86 16.04 -0.80 13.13
C GLU A 86 17.47 -1.02 12.65
N SER A 87 17.68 -0.99 11.34
CA SER A 87 18.99 -1.28 10.76
C SER A 87 19.78 -0.07 10.29
N PHE A 88 19.07 1.03 10.03
CA PHE A 88 19.65 2.25 9.48
C PHE A 88 20.03 2.15 8.00
N GLU A 89 19.58 1.11 7.32
CA GLU A 89 19.74 0.99 5.88
C GLU A 89 18.89 2.05 5.18
N GLN A 90 19.37 2.55 4.04
CA GLN A 90 18.67 3.58 3.29
C GLN A 90 18.09 3.02 1.99
N THR A 91 16.86 3.42 1.67
CA THR A 91 16.18 3.12 0.41
C THR A 91 15.84 4.42 -0.33
N GLU A 92 16.04 4.43 -1.65
CA GLU A 92 15.74 5.60 -2.47
C GLU A 92 14.53 5.32 -3.33
N LEU A 93 13.48 6.12 -3.14
CA LEU A 93 12.27 6.07 -3.96
C LEU A 93 12.15 7.35 -4.79
N SER A 94 11.51 7.23 -5.96
N SER A 94 11.56 7.20 -5.98
CA SER A 94 11.43 8.31 -6.93
CA SER A 94 11.47 8.26 -6.97
C SER A 94 10.07 9.00 -6.89
C SER A 94 10.12 8.98 -6.89
N SER A 95 10.06 10.27 -7.32
N SER A 95 10.09 10.18 -7.49
CA SER A 95 8.80 11.01 -7.45
CA SER A 95 8.86 10.97 -7.49
C SER A 95 7.81 10.28 -8.35
C SER A 95 7.77 10.33 -8.35
N ASP A 96 8.31 9.59 -9.38
N ASP A 96 8.15 9.57 -9.38
CA ASP A 96 7.43 8.85 -10.29
CA ASP A 96 7.15 8.84 -10.15
C ASP A 96 6.95 7.52 -9.71
C ASP A 96 6.47 7.79 -9.31
N TYR A 97 7.43 7.15 -8.53
N TYR A 97 7.25 6.99 -8.58
CA TYR A 97 6.78 6.08 -7.76
CA TYR A 97 6.68 5.92 -7.77
C TYR A 97 5.84 6.63 -6.70
C TYR A 97 5.74 6.48 -6.70
N LEU A 98 6.16 7.79 -6.12
N LEU A 98 6.22 7.49 -5.97
CA LEU A 98 5.43 8.38 -5.00
CA LEU A 98 5.41 8.07 -4.89
C LEU A 98 4.52 9.53 -5.43
C LEU A 98 4.21 8.81 -5.44
N LYS A 99 3.98 9.48 -6.66
N LYS A 99 4.41 9.63 -6.48
CA LYS A 99 3.33 10.65 -7.24
CA LYS A 99 3.40 10.49 -7.10
C LYS A 99 2.23 11.23 -6.34
C LYS A 99 2.38 11.08 -6.12
N GLU A 100 1.31 10.39 -5.87
N GLU A 100 1.29 10.35 -5.90
CA GLU A 100 0.21 10.89 -5.05
CA GLU A 100 0.17 10.85 -5.10
C GLU A 100 0.64 11.18 -3.61
C GLU A 100 0.58 11.22 -3.68
N GLU A 101 1.55 10.35 -3.07
N GLU A 101 1.52 10.47 -3.10
CA GLU A 101 1.97 10.52 -1.68
CA GLU A 101 1.89 10.68 -1.71
C GLU A 101 2.74 11.81 -1.45
C GLU A 101 2.75 11.91 -1.49
N LEU A 102 3.36 12.39 -2.48
N LEU A 102 3.38 12.44 -2.54
CA LEU A 102 4.12 13.63 -2.34
CA LEU A 102 4.13 13.68 -2.41
C LEU A 102 3.25 14.84 -2.04
C LEU A 102 3.25 14.89 -2.13
N ASN A 103 1.92 14.74 -2.22
CA ASN A 103 1.05 15.81 -1.74
C ASN A 103 1.10 15.94 -0.23
N TYR A 104 1.55 14.90 0.49
CA TYR A 104 1.46 14.87 1.95
C TYR A 104 2.78 14.66 2.68
N LEU A 105 3.82 14.13 2.02
CA LEU A 105 5.06 13.79 2.72
C LEU A 105 5.81 15.04 3.17
N LYS A 106 6.38 14.98 4.37
N LYS A 106 6.38 14.97 4.38
CA LYS A 106 7.32 16.01 4.80
CA LYS A 106 7.35 15.96 4.81
C LYS A 106 8.45 15.41 5.62
C LYS A 106 8.47 15.27 5.57
N GLU A 107 9.57 16.14 5.64
N GLU A 107 9.68 15.85 5.48
CA GLU A 107 10.79 15.70 6.32
CA GLU A 107 10.85 15.26 6.12
C GLU A 107 10.51 15.31 7.75
C GLU A 107 10.59 14.99 7.59
N GLY A 108 10.88 14.08 8.13
N GLY A 108 11.06 13.82 8.05
CA GLY A 108 10.73 13.58 9.48
CA GLY A 108 10.85 13.40 9.43
C GLY A 108 9.58 12.63 9.69
C GLY A 108 9.64 12.50 9.65
N MET A 109 8.73 12.43 8.69
CA MET A 109 7.53 11.62 8.86
C MET A 109 7.86 10.13 8.95
N GLU A 110 7.10 9.42 9.78
CA GLU A 110 7.20 7.95 9.89
C GLU A 110 6.22 7.30 8.93
N VAL A 111 6.71 6.29 8.18
CA VAL A 111 5.90 5.52 7.24
C VAL A 111 6.17 4.03 7.43
N GLN A 112 5.33 3.20 6.80
CA GLN A 112 5.57 1.76 6.72
C GLN A 112 5.66 1.34 5.26
N ILE A 113 6.72 0.61 4.90
N ILE A 113 6.68 0.55 4.91
CA ILE A 113 7.01 0.23 3.51
CA ILE A 113 6.90 0.13 3.53
C ILE A 113 7.00 -1.30 3.40
C ILE A 113 6.82 -1.39 3.43
N GLN A 114 6.28 -1.81 2.39
N GLN A 114 6.02 -1.88 2.47
CA GLN A 114 6.16 -3.25 2.15
CA GLN A 114 5.91 -3.30 2.20
C GLN A 114 6.93 -3.65 0.89
C GLN A 114 6.66 -3.66 0.91
N THR A 115 7.69 -4.73 0.98
N THR A 115 7.44 -4.73 0.96
CA THR A 115 8.58 -5.17 -0.10
CA THR A 115 8.22 -5.15 -0.19
C THR A 115 8.43 -6.67 -0.34
C THR A 115 8.15 -6.66 -0.39
N TYR A 116 8.41 -7.07 -1.63
CA TYR A 116 8.38 -8.47 -2.04
C TYR A 116 9.54 -8.75 -2.99
N GLU A 117 10.50 -9.58 -2.57
CA GLU A 117 11.64 -9.97 -3.40
C GLU A 117 12.25 -8.78 -4.16
N GLY A 118 12.53 -7.71 -3.41
N GLY A 118 12.55 -7.73 -3.39
CA GLY A 118 13.09 -6.49 -3.97
CA GLY A 118 13.25 -6.57 -3.92
C GLY A 118 12.09 -5.53 -4.58
C GLY A 118 12.37 -5.47 -4.50
N GLU A 119 10.85 -5.93 -4.80
N GLU A 119 11.10 -5.73 -4.77
CA GLU A 119 9.83 -5.06 -5.39
CA GLU A 119 10.20 -4.72 -5.34
C GLU A 119 9.17 -4.25 -4.27
C GLU A 119 9.39 -4.06 -4.23
N THR A 120 9.20 -2.91 -4.38
N THR A 120 9.30 -2.74 -4.28
CA THR A 120 8.48 -2.08 -3.43
CA THR A 120 8.46 -1.99 -3.34
C THR A 120 7.01 -2.12 -3.83
C THR A 120 7.01 -2.09 -3.80
N ILE A 121 6.15 -2.66 -2.96
CA ILE A 121 4.74 -2.80 -3.29
C ILE A 121 3.79 -1.82 -2.62
N GLY A 122 4.20 -1.14 -1.53
CA GLY A 122 3.35 -0.13 -0.92
C GLY A 122 4.06 0.75 0.08
N VAL A 123 3.55 1.98 0.25
CA VAL A 123 4.00 2.93 1.28
C VAL A 123 2.76 3.44 2.02
N GLU A 124 2.69 3.18 3.32
N GLU A 124 2.67 3.16 3.31
CA GLU A 124 1.56 3.59 4.15
CA GLU A 124 1.56 3.61 4.13
C GLU A 124 1.94 4.84 4.93
C GLU A 124 1.97 4.86 4.89
N LEU A 125 1.22 5.94 4.68
CA LEU A 125 1.41 7.24 5.31
C LEU A 125 0.65 7.35 6.63
N PRO A 126 1.03 8.31 7.48
CA PRO A 126 0.13 8.66 8.60
C PRO A 126 -1.25 9.01 8.09
N LYS A 127 -2.28 8.83 8.96
CA LYS A 127 -3.67 9.03 8.55
C LYS A 127 -4.02 10.51 8.35
N THR A 128 -3.35 11.41 9.08
CA THR A 128 -3.50 12.87 8.91
C THR A 128 -2.10 13.47 8.98
N VAL A 129 -1.97 14.69 8.46
CA VAL A 129 -0.68 15.42 8.42
C VAL A 129 -0.93 16.90 8.69
N GLU A 130 0.11 17.58 9.20
CA GLU A 130 0.10 19.03 9.42
C GLU A 130 0.96 19.72 8.37
N LEU A 131 0.35 20.60 7.55
N LEU A 131 0.36 20.60 7.57
CA LEU A 131 1.04 21.30 6.46
CA LEU A 131 1.08 21.30 6.50
C LEU A 131 0.69 22.78 6.47
C LEU A 131 0.81 22.80 6.56
N THR A 132 1.71 23.64 6.24
N THR A 132 1.82 23.58 6.19
CA THR A 132 1.52 25.09 6.29
CA THR A 132 1.76 25.04 6.23
C THR A 132 1.00 25.66 4.96
C THR A 132 1.17 25.60 4.93
N VAL A 133 0.21 26.72 5.05
N VAL A 133 0.27 26.57 5.06
CA VAL A 133 -0.34 27.41 3.89
CA VAL A 133 -0.24 27.30 3.90
C VAL A 133 0.71 28.37 3.32
C VAL A 133 0.82 28.24 3.37
N THR A 134 1.08 28.16 2.06
CA THR A 134 2.01 29.07 1.40
C THR A 134 1.33 30.10 0.50
N GLU A 135 0.10 29.87 0.06
CA GLU A 135 -0.60 30.83 -0.79
C GLU A 135 -2.11 30.73 -0.61
N THR A 136 -2.75 31.85 -0.28
CA THR A 136 -4.20 31.99 -0.28
C THR A 136 -4.54 33.48 -0.24
N GLU A 137 -5.75 33.82 -0.65
CA GLU A 137 -6.20 35.21 -0.59
C GLU A 137 -6.32 35.65 0.86
N PRO A 138 -5.99 36.91 1.16
N PRO A 138 -6.05 36.93 1.17
CA PRO A 138 -6.01 37.39 2.54
CA PRO A 138 -6.15 37.37 2.57
C PRO A 138 -7.36 37.17 3.22
C PRO A 138 -7.58 37.33 3.08
N GLY A 139 -7.29 36.82 4.51
N GLY A 139 -7.70 37.17 4.40
CA GLY A 139 -8.45 36.41 5.26
CA GLY A 139 -8.99 37.28 5.04
C GLY A 139 -9.66 37.34 5.22
C GLY A 139 -9.48 38.72 5.06
N ILE A 140 -10.84 36.73 5.12
N ILE A 140 -10.80 38.87 5.05
CA ILE A 140 -12.09 37.42 5.27
CA ILE A 140 -11.42 40.19 5.06
C ILE A 140 -12.66 36.96 6.60
C ILE A 140 -12.29 40.39 6.30
N GLY A 147 -20.05 28.97 5.79
CA GLY A 147 -20.18 27.81 4.93
C GLY A 147 -19.69 28.04 3.50
N ALA A 148 -18.69 28.90 3.35
CA ALA A 148 -18.09 29.19 2.05
C ALA A 148 -16.61 28.84 2.11
N THR A 149 -16.03 28.50 0.95
CA THR A 149 -14.63 28.10 0.90
C THR A 149 -13.87 28.91 -0.15
N LYS A 150 -12.54 28.80 -0.06
CA LYS A 150 -11.61 29.39 -1.01
C LYS A 150 -10.44 28.42 -1.21
N SER A 151 -9.70 28.62 -2.29
CA SER A 151 -8.51 27.80 -2.57
C SER A 151 -7.32 28.20 -1.69
N ALA A 152 -6.50 27.21 -1.33
CA ALA A 152 -5.24 27.41 -0.62
C ALA A 152 -4.23 26.36 -1.10
N THR A 153 -2.98 26.79 -1.25
CA THR A 153 -1.85 25.92 -1.59
C THR A 153 -0.99 25.74 -0.35
N VAL A 154 -0.63 24.49 -0.03
CA VAL A 154 0.25 24.15 1.09
C VAL A 154 1.69 23.85 0.66
N GLU A 155 2.58 23.61 1.64
CA GLU A 155 4.03 23.59 1.42
C GLU A 155 4.50 22.51 0.45
N THR A 156 3.71 21.45 0.24
CA THR A 156 4.06 20.41 -0.71
C THR A 156 3.68 20.74 -2.15
N GLY A 157 2.99 21.85 -2.39
CA GLY A 157 2.39 22.16 -3.67
C GLY A 157 0.94 21.74 -3.80
N TYR A 158 0.43 20.94 -2.87
N TYR A 158 0.46 20.93 -2.85
CA TYR A 158 -0.96 20.52 -2.86
CA TYR A 158 -0.92 20.45 -2.83
C TYR A 158 -1.92 21.70 -2.70
C TYR A 158 -1.89 21.59 -2.59
N THR A 159 -3.00 21.74 -3.49
N THR A 159 -3.03 21.56 -3.30
CA THR A 159 -4.01 22.79 -3.38
CA THR A 159 -4.06 22.57 -3.17
C THR A 159 -5.34 22.17 -2.95
C THR A 159 -5.36 21.93 -2.69
N LEU A 160 -6.10 22.85 -2.07
N LEU A 160 -6.14 22.70 -1.92
CA LEU A 160 -7.39 22.32 -1.58
CA LEU A 160 -7.43 22.22 -1.43
C LEU A 160 -8.31 23.46 -1.17
C LEU A 160 -8.29 23.40 -1.03
N ASN A 161 -9.60 23.15 -0.97
CA ASN A 161 -10.58 24.15 -0.50
C ASN A 161 -10.58 24.25 1.03
N VAL A 162 -10.60 25.48 1.55
CA VAL A 162 -10.51 25.76 3.00
C VAL A 162 -11.48 26.88 3.36
N PRO A 163 -11.81 27.02 4.65
CA PRO A 163 -12.71 28.11 5.09
C PRO A 163 -12.10 29.48 4.87
N LEU A 164 -12.97 30.50 4.81
CA LEU A 164 -12.53 31.85 4.49
C LEU A 164 -11.60 32.43 5.56
N PHE A 165 -11.70 31.98 6.82
CA PHE A 165 -10.88 32.57 7.88
C PHE A 165 -9.41 32.14 7.85
N VAL A 166 -9.03 31.18 6.98
CA VAL A 166 -7.65 30.70 6.97
C VAL A 166 -6.72 31.76 6.39
N ASN A 167 -5.53 31.91 7.01
CA ASN A 167 -4.51 32.87 6.62
C ASN A 167 -3.26 32.15 6.10
N GLU A 168 -2.52 32.82 5.21
CA GLU A 168 -1.20 32.32 4.84
C GLU A 168 -0.35 32.13 6.10
N GLY A 169 0.39 31.03 6.15
CA GLY A 169 1.18 30.66 7.31
C GLY A 169 0.47 29.77 8.33
N ASP A 170 -0.85 29.60 8.22
CA ASP A 170 -1.58 28.72 9.13
C ASP A 170 -1.12 27.27 8.93
N VAL A 171 -1.20 26.48 10.00
CA VAL A 171 -0.94 25.04 9.92
C VAL A 171 -2.27 24.33 9.79
N LEU A 172 -2.44 23.56 8.71
CA LEU A 172 -3.69 22.83 8.48
C LEU A 172 -3.50 21.35 8.79
N ILE A 173 -4.52 20.75 9.40
CA ILE A 173 -4.61 19.28 9.56
C ILE A 173 -5.45 18.73 8.41
N ILE A 174 -4.84 17.85 7.60
CA ILE A 174 -5.39 17.32 6.35
C ILE A 174 -5.44 15.79 6.41
N ASN A 175 -6.55 15.23 5.93
CA ASN A 175 -6.73 13.78 5.86
C ASN A 175 -6.01 13.24 4.62
N THR A 176 -5.09 12.25 4.82
CA THR A 176 -4.31 11.73 3.69
C THR A 176 -5.06 10.70 2.86
N GLY A 177 -6.19 10.21 3.36
CA GLY A 177 -7.03 9.30 2.61
C GLY A 177 -7.85 9.99 1.53
N ASP A 178 -8.55 11.07 1.87
CA ASP A 178 -9.39 11.79 0.90
C ASP A 178 -8.90 13.19 0.55
N GLY A 179 -7.78 13.65 1.13
CA GLY A 179 -7.24 14.97 0.83
C GLY A 179 -7.98 16.16 1.44
N SER A 180 -8.93 15.94 2.34
CA SER A 180 -9.77 17.02 2.82
C SER A 180 -9.22 17.77 4.03
N TYR A 181 -9.61 19.03 4.14
CA TYR A 181 -9.30 19.84 5.31
C TYR A 181 -10.11 19.34 6.51
N ILE A 182 -9.43 19.23 7.67
CA ILE A 182 -10.09 18.89 8.95
C ILE A 182 -10.23 20.10 9.88
N SER A 183 -9.09 20.73 10.24
CA SER A 183 -9.09 21.86 11.18
C SER A 183 -7.72 22.54 11.13
N ARG A 184 -7.53 23.57 11.95
CA ARG A 184 -6.23 24.23 12.05
C ARG A 184 -5.43 23.68 13.23
N GLY A 185 -4.11 23.68 13.08
N GLY A 185 -4.12 23.61 13.05
CA GLY A 185 -3.22 23.26 14.16
CA GLY A 185 -3.23 23.05 14.06
C GLY A 185 -2.70 24.41 15.00
C GLY A 185 -2.66 24.10 14.99
#